data_8BF1
#
_entry.id   8BF1
#
_cell.length_a   43.706
_cell.length_b   54.209
_cell.length_c   66.089
_cell.angle_alpha   90.000
_cell.angle_beta   106.730
_cell.angle_gamma   90.000
#
_symmetry.space_group_name_H-M   'P 1 21 1'
#
loop_
_entity.id
_entity.type
_entity.pdbx_description
1 polymer 'Peroxisome proliferator-activated receptor gamma'
2 polymer 'Peroxisome proliferator-activated receptor gamma coactivator 1-alpha'
3 water water
#
loop_
_entity_poly.entity_id
_entity_poly.type
_entity_poly.pdbx_seq_one_letter_code
_entity_poly.pdbx_strand_id
1 'polypeptide(L)'
;MRGSHHHHHHGPESADLRALAKHLYDSYIKSFPLTKAKARAILTGKTTDKSPFVIYDMNSLMMGEDKIKFKHITPLQEQS
KEVAIRIFQGCQFRSVEAVQEITEYAKSIPGFVNLDLNDQVTLLKYGVHEIIYTMLASLMNKDGVLISEGQGFMTREFLK
SLRKPFGDFMEPKFEFAVKFNALELDDSDLAIFIAVIILSGDRPGLLNVKPIEDIQDNLLQALELQLKLNHPESSQLFAK
LLQKMTDLRQIVTEHVQLLQVIKKTETDMSLHPLLQEIYKDLY
;
A
2 'polypeptide(L)' QEAEEPSLLKKLLLAPANT B
#
# COMPACT_ATOMS: atom_id res chain seq x y z
N PRO A 12 20.81 -22.27 10.99
CA PRO A 12 21.99 -21.43 11.12
C PRO A 12 21.80 -20.11 10.38
N GLU A 13 22.20 -20.07 9.10
CA GLU A 13 21.71 -19.01 8.24
C GLU A 13 20.19 -19.05 8.16
N SER A 14 19.63 -20.26 8.05
CA SER A 14 18.17 -20.39 8.03
C SER A 14 17.56 -19.84 9.30
N ALA A 15 18.15 -20.14 10.47
CA ALA A 15 17.57 -19.63 11.70
C ALA A 15 17.58 -18.12 11.74
N ASP A 16 18.66 -17.51 11.25
CA ASP A 16 18.71 -16.06 11.18
C ASP A 16 17.66 -15.51 10.23
N LEU A 17 17.37 -16.22 9.15
CA LEU A 17 16.31 -15.76 8.23
C LEU A 17 14.93 -15.81 8.88
N ARG A 18 14.69 -16.78 9.76
CA ARG A 18 13.42 -16.80 10.49
C ARG A 18 13.38 -15.67 11.52
N ALA A 19 14.50 -15.39 12.19
CA ALA A 19 14.52 -14.28 13.13
C ALA A 19 14.28 -12.96 12.41
N LEU A 20 14.84 -12.79 11.21
CA LEU A 20 14.58 -11.58 10.43
C LEU A 20 13.10 -11.50 10.03
N ALA A 21 12.53 -12.61 9.57
CA ALA A 21 11.11 -12.61 9.23
C ALA A 21 10.26 -12.20 10.42
N LYS A 22 10.59 -12.72 11.61
CA LYS A 22 9.80 -12.38 12.80
C LYS A 22 9.98 -10.93 13.20
N HIS A 23 11.20 -10.41 13.10
CA HIS A 23 11.44 -9.00 13.39
C HIS A 23 10.61 -8.12 12.49
N LEU A 24 10.57 -8.42 11.20
CA LEU A 24 9.79 -7.63 10.25
C LEU A 24 8.30 -7.73 10.55
N TYR A 25 7.80 -8.93 10.87
CA TYR A 25 6.41 -9.06 11.26
C TYR A 25 6.11 -8.18 12.47
N ASP A 26 6.95 -8.24 13.49
CA ASP A 26 6.67 -7.46 14.70
C ASP A 26 6.68 -5.97 14.40
N SER A 27 7.57 -5.51 13.53
CA SER A 27 7.60 -4.09 13.18
CA SER A 27 7.59 -4.09 13.20
C SER A 27 6.43 -3.72 12.28
N TYR A 28 5.99 -4.64 11.42
CA TYR A 28 4.80 -4.42 10.62
C TYR A 28 3.58 -4.24 11.52
N ILE A 29 3.46 -5.07 12.56
CA ILE A 29 2.36 -4.91 13.51
C ILE A 29 2.43 -3.55 14.21
N LYS A 30 3.64 -3.09 14.55
CA LYS A 30 3.80 -1.79 15.19
C LYS A 30 3.42 -0.65 14.25
N SER A 31 3.65 -0.80 12.95
CA SER A 31 3.53 0.30 12.00
C SER A 31 2.15 0.43 11.39
N PHE A 32 1.41 -0.67 11.23
CA PHE A 32 0.18 -0.69 10.46
C PHE A 32 -0.98 -1.09 11.36
N PRO A 33 -1.81 -0.15 11.79
CA PRO A 33 -2.89 -0.50 12.74
C PRO A 33 -3.86 -1.53 12.22
N LEU A 34 -4.26 -1.44 10.95
CA LEU A 34 -5.25 -2.35 10.37
C LEU A 34 -4.51 -3.38 9.53
N THR A 35 -4.26 -4.54 10.14
CA THR A 35 -3.58 -5.64 9.46
C THR A 35 -4.54 -6.38 8.53
N LYS A 36 -3.97 -7.26 7.71
CA LYS A 36 -4.82 -8.08 6.88
C LYS A 36 -5.69 -9.00 7.73
N ALA A 37 -5.12 -9.55 8.81
CA ALA A 37 -5.91 -10.43 9.66
C ALA A 37 -7.13 -9.68 10.20
N LYS A 38 -6.93 -8.46 10.71
CA LYS A 38 -8.04 -7.68 11.22
C LYS A 38 -9.02 -7.31 10.12
N ALA A 39 -8.51 -6.96 8.94
CA ALA A 39 -9.38 -6.58 7.83
C ALA A 39 -10.24 -7.74 7.35
N ARG A 40 -9.65 -8.92 7.18
CA ARG A 40 -10.43 -10.05 6.70
C ARG A 40 -11.50 -10.44 7.70
N ALA A 41 -11.22 -10.28 9.00
CA ALA A 41 -12.24 -10.57 10.00
C ALA A 41 -13.43 -9.64 9.85
N ILE A 42 -13.18 -8.36 9.56
CA ILE A 42 -14.27 -7.42 9.32
C ILE A 42 -15.02 -7.79 8.05
N LEU A 43 -14.29 -8.10 6.98
CA LEU A 43 -14.91 -8.36 5.69
C LEU A 43 -15.80 -9.61 5.75
N THR A 44 -15.33 -10.65 6.43
CA THR A 44 -16.09 -11.89 6.54
C THR A 44 -17.04 -11.89 7.72
N GLY A 45 -17.14 -10.78 8.45
CA GLY A 45 -18.06 -10.67 9.57
C GLY A 45 -17.81 -11.69 10.65
N LYS A 46 -16.55 -11.84 11.07
CA LYS A 46 -16.17 -12.75 12.14
C LYS A 46 -15.55 -11.99 13.30
N THR A 47 -15.92 -10.72 13.47
CA THR A 47 -15.39 -9.86 14.51
C THR A 47 -16.52 -9.41 15.43
N THR A 48 -16.18 -9.19 16.69
CA THR A 48 -17.14 -8.69 17.66
C THR A 48 -17.33 -7.17 17.57
N ASP A 49 -16.44 -6.48 16.86
CA ASP A 49 -16.53 -5.03 16.75
C ASP A 49 -17.83 -4.63 16.04
N LYS A 50 -18.09 -3.33 16.01
CA LYS A 50 -19.25 -2.80 15.32
C LYS A 50 -19.06 -2.96 13.81
N SER A 51 -20.15 -3.31 13.13
CA SER A 51 -20.09 -3.53 11.69
C SER A 51 -19.75 -2.23 10.98
N PRO A 52 -19.03 -2.29 9.85
CA PRO A 52 -18.75 -1.06 9.10
C PRO A 52 -20.00 -0.52 8.44
N PHE A 53 -20.04 0.80 8.30
CA PHE A 53 -21.12 1.44 7.56
C PHE A 53 -20.88 1.28 6.06
N VAL A 54 -21.89 0.78 5.35
CA VAL A 54 -21.76 0.43 3.94
C VAL A 54 -22.24 1.60 3.08
N ILE A 55 -21.37 2.06 2.19
CA ILE A 55 -21.66 3.10 1.23
C ILE A 55 -21.81 2.43 -0.13
N TYR A 56 -23.04 2.36 -0.64
CA TYR A 56 -23.35 1.67 -1.89
C TYR A 56 -24.03 2.56 -2.92
N ASP A 57 -24.41 3.78 -2.56
CA ASP A 57 -25.06 4.69 -3.50
C ASP A 57 -24.91 6.10 -2.96
N MET A 58 -25.47 7.07 -3.68
CA MET A 58 -25.33 8.46 -3.27
C MET A 58 -26.04 8.73 -1.95
N ASN A 59 -27.18 8.08 -1.72
CA ASN A 59 -27.91 8.31 -0.48
C ASN A 59 -27.12 7.80 0.73
N SER A 60 -26.56 6.59 0.63
CA SER A 60 -25.79 6.06 1.75
C SER A 60 -24.48 6.82 1.94
N LEU A 61 -23.89 7.33 0.85
CA LEU A 61 -22.76 8.23 1.00
C LEU A 61 -23.14 9.44 1.86
N MET A 62 -24.26 10.08 1.53
CA MET A 62 -24.72 11.22 2.31
C MET A 62 -24.88 10.87 3.78
N MET A 63 -25.42 9.67 4.06
CA MET A 63 -25.73 9.30 5.44
C MET A 63 -24.47 8.95 6.22
N GLY A 64 -23.46 8.39 5.56
CA GLY A 64 -22.29 7.92 6.27
C GLY A 64 -21.09 8.83 6.19
N GLU A 65 -21.12 9.80 5.26
CA GLU A 65 -19.92 10.58 4.95
C GLU A 65 -19.31 11.19 6.21
N ASP A 66 -20.13 11.88 7.00
CA ASP A 66 -19.59 12.60 8.16
C ASP A 66 -19.09 11.64 9.24
N LYS A 67 -19.69 10.45 9.35
CA LYS A 67 -19.26 9.52 10.38
C LYS A 67 -17.92 8.88 10.03
N ILE A 68 -17.71 8.55 8.75
CA ILE A 68 -16.47 7.91 8.32
C ILE A 68 -15.41 8.91 7.88
N LYS A 69 -15.70 10.21 7.96
CA LYS A 69 -14.74 11.25 7.58
C LYS A 69 -13.38 10.98 8.22
N GLU A 78 -17.20 22.38 6.41
CA GLU A 78 -17.48 21.47 5.30
C GLU A 78 -17.08 22.10 3.97
N GLN A 79 -17.29 21.36 2.89
CA GLN A 79 -16.90 21.80 1.55
C GLN A 79 -18.07 21.56 0.59
N SER A 80 -17.96 22.16 -0.59
CA SER A 80 -19.01 22.09 -1.61
C SER A 80 -18.46 21.50 -2.91
N LYS A 81 -17.60 20.51 -2.80
CA LYS A 81 -17.06 19.85 -3.98
C LYS A 81 -17.99 18.74 -4.44
N GLU A 82 -17.95 18.46 -5.74
CA GLU A 82 -18.76 17.38 -6.28
C GLU A 82 -18.35 16.04 -5.67
N VAL A 83 -19.28 15.09 -5.64
CA VAL A 83 -19.08 13.83 -4.92
C VAL A 83 -17.83 13.12 -5.43
N ALA A 84 -17.70 12.98 -6.74
CA ALA A 84 -16.57 12.24 -7.29
C ALA A 84 -15.25 12.84 -6.83
N ILE A 85 -15.18 14.16 -6.70
CA ILE A 85 -13.93 14.80 -6.29
C ILE A 85 -13.70 14.62 -4.80
N ARG A 86 -14.76 14.64 -4.00
CA ARG A 86 -14.62 14.39 -2.57
C ARG A 86 -14.13 12.97 -2.32
N ILE A 87 -14.64 12.00 -3.07
CA ILE A 87 -14.19 10.63 -2.92
C ILE A 87 -12.74 10.49 -3.37
N PHE A 88 -12.42 11.03 -4.55
CA PHE A 88 -11.06 10.94 -5.06
C PHE A 88 -10.06 11.55 -4.09
N GLN A 89 -10.39 12.72 -3.51
CA GLN A 89 -9.44 13.38 -2.61
C GLN A 89 -9.39 12.69 -1.26
N GLY A 90 -10.48 12.09 -0.81
CA GLY A 90 -10.43 11.27 0.38
C GLY A 90 -9.48 10.10 0.23
N CYS A 91 -9.50 9.47 -0.95
CA CYS A 91 -8.54 8.40 -1.22
CA CYS A 91 -8.54 8.40 -1.22
C CYS A 91 -7.12 8.92 -1.16
N GLN A 92 -6.89 10.14 -1.65
CA GLN A 92 -5.54 10.70 -1.59
C GLN A 92 -5.10 10.95 -0.15
N PHE A 93 -6.02 11.39 0.71
CA PHE A 93 -5.64 11.62 2.11
C PHE A 93 -5.33 10.31 2.84
N ARG A 94 -6.08 9.24 2.53
CA ARG A 94 -5.71 7.93 3.07
C ARG A 94 -4.31 7.54 2.61
N SER A 95 -3.97 7.85 1.36
CA SER A 95 -2.62 7.57 0.87
C SER A 95 -1.58 8.29 1.69
N VAL A 96 -1.87 9.53 2.11
CA VAL A 96 -0.92 10.29 2.91
C VAL A 96 -0.64 9.57 4.22
N GLU A 97 -1.69 9.10 4.89
CA GLU A 97 -1.47 8.37 6.13
C GLU A 97 -0.69 7.09 5.87
N ALA A 98 -0.99 6.42 4.75
CA ALA A 98 -0.28 5.19 4.42
C ALA A 98 1.20 5.46 4.19
N VAL A 99 1.53 6.56 3.49
CA VAL A 99 2.94 6.89 3.29
C VAL A 99 3.66 7.01 4.62
N GLN A 100 3.01 7.62 5.61
CA GLN A 100 3.65 7.80 6.90
C GLN A 100 3.84 6.47 7.62
N GLU A 101 2.86 5.57 7.53
CA GLU A 101 3.01 4.25 8.14
C GLU A 101 4.11 3.45 7.45
N ILE A 102 4.16 3.51 6.11
CA ILE A 102 5.16 2.77 5.36
C ILE A 102 6.56 3.30 5.69
N THR A 103 6.68 4.63 5.85
CA THR A 103 7.96 5.21 6.22
C THR A 103 8.42 4.69 7.58
N GLU A 104 7.52 4.63 8.55
CA GLU A 104 7.88 4.06 9.85
C GLU A 104 8.30 2.61 9.72
N TYR A 105 7.59 1.84 8.89
CA TYR A 105 7.98 0.44 8.69
C TYR A 105 9.36 0.34 8.05
N ALA A 106 9.61 1.14 7.02
CA ALA A 106 10.91 1.11 6.36
C ALA A 106 12.05 1.34 7.34
N LYS A 107 11.88 2.28 8.26
CA LYS A 107 12.92 2.58 9.24
C LYS A 107 13.22 1.41 10.16
N SER A 108 12.31 0.44 10.26
CA SER A 108 12.54 -0.75 11.07
C SER A 108 13.26 -1.86 10.30
N ILE A 109 13.45 -1.73 8.99
CA ILE A 109 14.11 -2.78 8.22
C ILE A 109 15.61 -2.71 8.53
N PRO A 110 16.24 -3.77 9.02
CA PRO A 110 17.66 -3.66 9.39
C PRO A 110 18.51 -3.18 8.23
N GLY A 111 19.34 -2.18 8.48
CA GLY A 111 20.19 -1.57 7.48
C GLY A 111 19.62 -0.33 6.82
N PHE A 112 18.31 -0.12 6.87
CA PHE A 112 17.70 0.96 6.10
C PHE A 112 18.14 2.34 6.60
N VAL A 113 18.11 2.57 7.92
CA VAL A 113 18.41 3.91 8.42
C VAL A 113 19.88 4.25 8.30
N ASN A 114 20.75 3.26 8.07
CA ASN A 114 22.16 3.53 7.83
C ASN A 114 22.46 3.85 6.39
N LEU A 115 21.52 3.67 5.47
CA LEU A 115 21.73 4.08 4.10
C LEU A 115 21.86 5.59 4.03
N ASP A 116 22.54 6.06 2.99
CA ASP A 116 22.53 7.48 2.67
C ASP A 116 21.10 8.01 2.72
N LEU A 117 20.91 9.15 3.39
CA LEU A 117 19.57 9.66 3.62
C LEU A 117 18.85 9.99 2.31
N ASN A 118 19.56 10.49 1.32
CA ASN A 118 18.92 10.77 0.04
C ASN A 118 18.47 9.49 -0.64
N ASP A 119 19.20 8.39 -0.44
CA ASP A 119 18.76 7.11 -0.99
C ASP A 119 17.54 6.58 -0.25
N GLN A 120 17.46 6.78 1.07
CA GLN A 120 16.23 6.44 1.77
C GLN A 120 15.02 7.17 1.18
N VAL A 121 15.18 8.47 0.91
CA VAL A 121 14.10 9.24 0.30
C VAL A 121 13.73 8.65 -1.05
N THR A 122 14.73 8.36 -1.89
CA THR A 122 14.45 7.81 -3.21
C THR A 122 13.72 6.48 -3.11
N LEU A 123 14.15 5.60 -2.21
CA LEU A 123 13.49 4.30 -2.08
C LEU A 123 12.03 4.49 -1.70
N LEU A 124 11.74 5.41 -0.78
CA LEU A 124 10.34 5.62 -0.42
C LEU A 124 9.57 6.30 -1.54
N LYS A 125 10.15 7.30 -2.18
CA LYS A 125 9.45 8.02 -3.24
C LYS A 125 8.96 7.07 -4.33
N TYR A 126 9.80 6.13 -4.73
CA TYR A 126 9.46 5.26 -5.86
C TYR A 126 8.86 3.94 -5.43
N GLY A 127 8.86 3.63 -4.13
CA GLY A 127 8.31 2.41 -3.61
C GLY A 127 6.96 2.52 -2.93
N VAL A 128 6.60 3.70 -2.36
CA VAL A 128 5.43 3.75 -1.51
C VAL A 128 4.16 3.40 -2.27
N HIS A 129 4.03 3.82 -3.53
CA HIS A 129 2.76 3.52 -4.18
C HIS A 129 2.59 2.03 -4.45
N GLU A 130 3.68 1.34 -4.80
CA GLU A 130 3.60 -0.11 -4.94
C GLU A 130 3.16 -0.76 -3.63
N ILE A 131 3.64 -0.24 -2.51
CA ILE A 131 3.23 -0.78 -1.22
C ILE A 131 1.78 -0.42 -0.91
N ILE A 132 1.37 0.79 -1.27
CA ILE A 132 -0.02 1.18 -1.04
C ILE A 132 -0.97 0.21 -1.74
N TYR A 133 -0.68 -0.14 -3.00
CA TYR A 133 -1.55 -1.08 -3.71
CA TYR A 133 -1.55 -1.07 -3.71
C TYR A 133 -1.53 -2.45 -3.07
N THR A 134 -0.36 -2.91 -2.61
CA THR A 134 -0.25 -4.21 -1.97
C THR A 134 -1.14 -4.26 -0.75
N MET A 135 -1.07 -3.23 0.10
CA MET A 135 -1.80 -3.25 1.36
C MET A 135 -3.27 -2.93 1.15
N LEU A 136 -3.61 -2.18 0.10
CA LEU A 136 -5.01 -1.96 -0.24
C LEU A 136 -5.70 -3.29 -0.53
N ALA A 137 -5.00 -4.22 -1.18
CA ALA A 137 -5.60 -5.52 -1.45
C ALA A 137 -6.08 -6.19 -0.16
N SER A 138 -5.36 -5.98 0.94
CA SER A 138 -5.75 -6.57 2.22
C SER A 138 -7.12 -6.10 2.66
N LEU A 139 -7.53 -4.90 2.22
CA LEU A 139 -8.79 -4.28 2.63
C LEU A 139 -9.90 -4.51 1.63
N MET A 140 -9.64 -5.26 0.57
CA MET A 140 -10.54 -5.39 -0.56
C MET A 140 -11.02 -6.82 -0.73
N ASN A 141 -12.27 -6.95 -1.16
CA ASN A 141 -12.76 -8.17 -1.78
C ASN A 141 -13.34 -7.79 -3.13
N LYS A 142 -13.92 -8.78 -3.82
CA LYS A 142 -14.41 -8.53 -5.16
C LYS A 142 -15.53 -7.50 -5.18
N ASP A 143 -16.15 -7.21 -4.03
CA ASP A 143 -17.33 -6.36 -3.97
C ASP A 143 -17.10 -4.99 -3.37
N GLY A 144 -15.96 -4.72 -2.73
CA GLY A 144 -15.75 -3.40 -2.17
C GLY A 144 -14.49 -3.33 -1.34
N VAL A 145 -14.32 -2.18 -0.68
CA VAL A 145 -13.08 -1.84 0.02
C VAL A 145 -13.40 -1.23 1.38
N LEU A 146 -12.69 -1.68 2.41
CA LEU A 146 -12.76 -1.06 3.72
C LEU A 146 -12.09 0.31 3.71
N ILE A 147 -12.73 1.29 4.34
CA ILE A 147 -12.20 2.64 4.46
C ILE A 147 -12.31 3.08 5.91
N SER A 148 -11.66 4.20 6.21
CA SER A 148 -11.73 4.83 7.54
C SER A 148 -11.33 3.84 8.63
N GLU A 149 -10.16 3.23 8.46
CA GLU A 149 -9.62 2.27 9.43
C GLU A 149 -10.65 1.19 9.76
N GLY A 150 -11.38 0.75 8.74
CA GLY A 150 -12.31 -0.35 8.87
C GLY A 150 -13.71 0.02 9.32
N GLN A 151 -13.99 1.31 9.50
CA GLN A 151 -15.30 1.77 9.97
C GLN A 151 -16.29 1.95 8.83
N GLY A 152 -15.83 1.92 7.58
CA GLY A 152 -16.73 2.01 6.44
C GLY A 152 -16.34 0.98 5.39
N PHE A 153 -17.27 0.74 4.48
CA PHE A 153 -17.08 -0.19 3.37
C PHE A 153 -17.74 0.43 2.16
N MET A 154 -16.94 0.77 1.14
CA MET A 154 -17.46 1.37 -0.08
C MET A 154 -17.50 0.31 -1.17
N THR A 155 -18.67 0.13 -1.79
CA THR A 155 -18.81 -0.94 -2.75
C THR A 155 -18.10 -0.61 -4.05
N ARG A 156 -17.65 -1.67 -4.72
CA ARG A 156 -16.95 -1.52 -5.99
C ARG A 156 -17.89 -0.95 -7.06
N GLU A 157 -19.16 -1.37 -7.05
CA GLU A 157 -20.10 -0.86 -8.04
C GLU A 157 -20.33 0.63 -7.87
N PHE A 158 -20.44 1.10 -6.61
CA PHE A 158 -20.63 2.52 -6.39
C PHE A 158 -19.44 3.32 -6.92
N LEU A 159 -18.22 2.86 -6.66
CA LEU A 159 -17.04 3.55 -7.18
C LEU A 159 -17.04 3.56 -8.71
N LYS A 160 -17.47 2.46 -9.32
CA LYS A 160 -17.56 2.41 -10.78
C LYS A 160 -18.60 3.37 -11.32
N SER A 161 -19.60 3.75 -10.53
CA SER A 161 -20.69 4.60 -10.99
C SER A 161 -20.31 6.07 -11.04
N LEU A 162 -19.14 6.45 -10.55
CA LEU A 162 -18.76 7.86 -10.53
C LEU A 162 -18.52 8.36 -11.95
N ARG A 163 -18.71 9.67 -12.15
CA ARG A 163 -18.56 10.31 -13.45
C ARG A 163 -17.31 9.82 -14.17
N LYS A 164 -17.31 9.90 -15.50
CA LYS A 164 -16.36 9.12 -16.30
C LYS A 164 -14.89 9.30 -15.90
N PRO A 165 -14.38 10.50 -15.63
CA PRO A 165 -12.94 10.58 -15.28
C PRO A 165 -12.58 9.81 -14.02
N PHE A 166 -13.52 9.64 -13.09
CA PHE A 166 -13.24 9.00 -11.81
C PHE A 166 -13.85 7.61 -11.67
N GLY A 167 -14.69 7.18 -12.60
CA GLY A 167 -15.37 5.89 -12.48
C GLY A 167 -14.47 4.69 -12.68
N ASP A 168 -13.26 4.88 -13.20
CA ASP A 168 -12.32 3.79 -13.44
C ASP A 168 -11.04 3.96 -12.64
N PHE A 169 -11.06 4.82 -11.62
CA PHE A 169 -9.85 5.11 -10.85
C PHE A 169 -9.51 3.95 -9.91
N MET A 170 -10.53 3.34 -9.29
CA MET A 170 -10.29 2.23 -8.38
C MET A 170 -10.33 0.86 -9.05
N GLU A 171 -10.98 0.75 -10.20
CA GLU A 171 -11.17 -0.57 -10.81
C GLU A 171 -9.86 -1.32 -11.06
N PRO A 172 -8.80 -0.70 -11.56
CA PRO A 172 -7.53 -1.44 -11.71
C PRO A 172 -6.99 -1.97 -10.39
N LYS A 173 -7.26 -1.27 -9.30
CA LYS A 173 -6.79 -1.72 -8.00
C LYS A 173 -7.58 -2.95 -7.54
N PHE A 174 -8.90 -2.94 -7.76
CA PHE A 174 -9.71 -4.13 -7.48
C PHE A 174 -9.25 -5.32 -8.32
N GLU A 175 -8.94 -5.09 -9.59
CA GLU A 175 -8.52 -6.18 -10.46
C GLU A 175 -7.22 -6.80 -9.96
N PHE A 176 -6.26 -5.97 -9.58
CA PHE A 176 -5.03 -6.47 -8.98
C PHE A 176 -5.34 -7.23 -7.69
N ALA A 177 -6.20 -6.66 -6.85
CA ALA A 177 -6.41 -7.22 -5.52
C ALA A 177 -7.03 -8.60 -5.57
N VAL A 178 -8.02 -8.81 -6.45
CA VAL A 178 -8.67 -10.11 -6.51
C VAL A 178 -7.66 -11.19 -6.88
N LYS A 179 -6.77 -10.90 -7.82
CA LYS A 179 -5.76 -11.88 -8.20
C LYS A 179 -4.70 -12.04 -7.12
N PHE A 180 -4.29 -10.92 -6.50
CA PHE A 180 -3.27 -10.99 -5.45
C PHE A 180 -3.80 -11.74 -4.24
N ASN A 181 -5.05 -11.46 -3.85
CA ASN A 181 -5.65 -12.12 -2.70
C ASN A 181 -5.84 -13.62 -2.93
N ALA A 182 -5.91 -14.07 -4.18
CA ALA A 182 -6.00 -15.50 -4.46
C ALA A 182 -4.74 -16.25 -4.05
N LEU A 183 -3.63 -15.54 -3.82
CA LEU A 183 -2.41 -16.18 -3.33
C LEU A 183 -2.45 -16.46 -1.82
N GLU A 184 -3.40 -15.87 -1.09
CA GLU A 184 -3.67 -16.23 0.30
C GLU A 184 -2.50 -15.90 1.23
N LEU A 185 -1.81 -14.79 0.96
CA LEU A 185 -0.72 -14.41 1.84
C LEU A 185 -1.26 -13.93 3.17
N ASP A 186 -0.47 -14.13 4.22
CA ASP A 186 -0.80 -13.59 5.53
C ASP A 186 0.12 -12.41 5.86
N ASP A 187 -0.10 -11.81 7.03
CA ASP A 187 0.66 -10.64 7.41
C ASP A 187 2.15 -10.94 7.53
N SER A 188 2.50 -12.15 7.97
CA SER A 188 3.91 -12.52 8.06
C SER A 188 4.57 -12.56 6.68
N ASP A 189 3.87 -13.10 5.68
CA ASP A 189 4.37 -13.09 4.32
C ASP A 189 4.49 -11.65 3.81
N LEU A 190 3.44 -10.86 4.03
CA LEU A 190 3.39 -9.51 3.49
C LEU A 190 4.48 -8.63 4.05
N ALA A 191 4.82 -8.79 5.33
CA ALA A 191 5.87 -7.98 5.92
C ALA A 191 7.17 -8.11 5.13
N ILE A 192 7.52 -9.33 4.73
CA ILE A 192 8.78 -9.52 4.01
C ILE A 192 8.65 -9.04 2.57
N PHE A 193 7.50 -9.33 1.93
CA PHE A 193 7.26 -8.91 0.55
C PHE A 193 7.38 -7.39 0.43
N ILE A 194 6.78 -6.65 1.36
CA ILE A 194 6.85 -5.19 1.33
C ILE A 194 8.29 -4.72 1.50
N ALA A 195 9.02 -5.32 2.44
CA ALA A 195 10.42 -4.93 2.65
C ALA A 195 11.26 -5.15 1.38
N VAL A 196 11.04 -6.28 0.68
CA VAL A 196 11.75 -6.52 -0.56
C VAL A 196 11.52 -5.39 -1.55
N ILE A 197 10.26 -4.98 -1.71
CA ILE A 197 9.93 -3.93 -2.66
C ILE A 197 10.60 -2.62 -2.28
N ILE A 198 10.61 -2.27 -1.00
CA ILE A 198 11.23 -1.01 -0.60
C ILE A 198 12.71 -1.00 -0.96
N LEU A 199 13.40 -2.11 -0.72
CA LEU A 199 14.85 -2.20 -0.94
C LEU A 199 15.18 -2.58 -2.38
N SER A 200 14.62 -1.83 -3.34
CA SER A 200 14.85 -2.07 -4.76
C SER A 200 16.01 -1.20 -5.25
N GLY A 201 17.09 -1.83 -5.69
CA GLY A 201 18.29 -1.14 -6.09
C GLY A 201 18.22 -0.47 -7.45
N ASP A 202 17.14 -0.64 -8.20
CA ASP A 202 17.04 -0.07 -9.54
C ASP A 202 16.23 1.22 -9.60
N ARG A 203 15.88 1.81 -8.45
CA ARG A 203 15.13 3.05 -8.49
C ARG A 203 15.98 4.16 -9.10
N PRO A 204 15.37 5.12 -9.79
CA PRO A 204 16.17 6.15 -10.47
C PRO A 204 16.88 7.04 -9.47
N GLY A 205 18.15 7.28 -9.72
CA GLY A 205 18.89 8.27 -8.95
C GLY A 205 19.49 7.79 -7.65
N LEU A 206 19.46 6.50 -7.38
CA LEU A 206 20.15 6.00 -6.19
C LEU A 206 21.64 6.24 -6.29
N LEU A 207 22.22 6.71 -5.19
CA LEU A 207 23.65 7.05 -5.13
C LEU A 207 24.54 5.86 -4.83
N ASN A 208 24.08 4.89 -4.03
CA ASN A 208 24.92 3.74 -3.64
CA ASN A 208 24.92 3.74 -3.63
C ASN A 208 24.05 2.48 -3.69
N VAL A 209 24.09 1.81 -4.83
CA VAL A 209 23.19 0.68 -5.08
C VAL A 209 23.60 -0.58 -4.32
N LYS A 210 24.90 -0.85 -4.20
CA LYS A 210 25.36 -2.11 -3.62
C LYS A 210 24.79 -2.38 -2.23
N PRO A 211 24.82 -1.44 -1.27
CA PRO A 211 24.29 -1.78 0.06
C PRO A 211 22.80 -2.10 0.04
N ILE A 212 22.06 -1.46 -0.88
CA ILE A 212 20.64 -1.72 -1.02
C ILE A 212 20.42 -3.13 -1.55
N GLU A 213 21.17 -3.50 -2.60
CA GLU A 213 21.05 -4.84 -3.15
C GLU A 213 21.45 -5.90 -2.13
N ASP A 214 22.45 -5.61 -1.30
CA ASP A 214 22.86 -6.59 -0.30
C ASP A 214 21.74 -6.83 0.70
N ILE A 215 21.08 -5.76 1.16
CA ILE A 215 19.94 -5.92 2.07
C ILE A 215 18.84 -6.69 1.35
N GLN A 216 18.56 -6.31 0.12
CA GLN A 216 17.46 -6.97 -0.60
C GLN A 216 17.75 -8.45 -0.80
N ASP A 217 19.00 -8.81 -1.09
CA ASP A 217 19.31 -10.21 -1.30
C ASP A 217 18.96 -11.03 -0.06
N ASN A 218 19.25 -10.50 1.12
CA ASN A 218 18.95 -11.20 2.36
C ASN A 218 17.44 -11.24 2.58
N LEU A 219 16.74 -10.15 2.27
CA LEU A 219 15.28 -10.15 2.41
C LEU A 219 14.64 -11.15 1.46
N LEU A 220 15.18 -11.28 0.25
CA LEU A 220 14.66 -12.23 -0.71
C LEU A 220 14.86 -13.67 -0.22
N GLN A 221 16.02 -13.96 0.37
CA GLN A 221 16.21 -15.28 0.97
C GLN A 221 15.23 -15.52 2.10
N ALA A 222 14.99 -14.49 2.92
CA ALA A 222 14.02 -14.64 4.01
C ALA A 222 12.61 -14.89 3.46
N LEU A 223 12.27 -14.21 2.37
CA LEU A 223 10.95 -14.39 1.75
C LEU A 223 10.79 -15.79 1.19
N GLU A 224 11.81 -16.28 0.48
CA GLU A 224 11.71 -17.62 -0.09
C GLU A 224 11.48 -18.67 1.00
N LEU A 225 12.23 -18.56 2.10
CA LEU A 225 12.09 -19.53 3.19
C LEU A 225 10.72 -19.40 3.85
N GLN A 226 10.26 -18.17 4.08
CA GLN A 226 8.93 -17.94 4.62
C GLN A 226 7.86 -18.62 3.78
N LEU A 227 7.93 -18.47 2.45
CA LEU A 227 6.88 -19.02 1.61
C LEU A 227 6.94 -20.55 1.57
N LYS A 228 8.15 -21.11 1.60
CA LYS A 228 8.27 -22.57 1.60
C LYS A 228 7.72 -23.17 2.88
N LEU A 229 7.93 -22.51 4.01
CA LEU A 229 7.47 -23.03 5.30
C LEU A 229 5.99 -22.75 5.52
N ASN A 230 5.53 -21.55 5.19
CA ASN A 230 4.17 -21.13 5.47
C ASN A 230 3.18 -21.54 4.37
N HIS A 231 3.66 -21.85 3.16
CA HIS A 231 2.82 -22.26 2.03
C HIS A 231 3.43 -23.47 1.34
N PRO A 232 3.59 -24.58 2.06
CA PRO A 232 4.32 -25.71 1.51
C PRO A 232 3.68 -26.33 0.29
N GLU A 233 2.38 -26.17 0.09
CA GLU A 233 1.66 -26.77 -1.03
C GLU A 233 1.46 -25.80 -2.19
N SER A 234 1.96 -24.57 -2.07
CA SER A 234 1.73 -23.54 -3.09
C SER A 234 2.95 -23.49 -4.00
N SER A 235 2.87 -24.23 -5.10
CA SER A 235 3.99 -24.37 -6.00
C SER A 235 4.33 -23.04 -6.64
N GLN A 236 5.61 -22.71 -6.65
CA GLN A 236 6.11 -21.54 -7.36
C GLN A 236 5.57 -20.24 -6.79
N LEU A 237 5.17 -20.23 -5.51
CA LEU A 237 4.62 -18.99 -4.96
C LEU A 237 5.66 -17.87 -4.97
N PHE A 238 6.92 -18.19 -4.67
CA PHE A 238 7.97 -17.18 -4.73
C PHE A 238 8.04 -16.54 -6.11
N ALA A 239 8.07 -17.36 -7.16
CA ALA A 239 8.11 -16.82 -8.52
C ALA A 239 6.88 -15.96 -8.83
N LYS A 240 5.72 -16.39 -8.36
CA LYS A 240 4.50 -15.59 -8.53
C LYS A 240 4.65 -14.24 -7.84
N LEU A 241 5.24 -14.20 -6.64
CA LEU A 241 5.37 -12.92 -5.97
C LEU A 241 6.38 -12.02 -6.66
N LEU A 242 7.44 -12.58 -7.23
CA LEU A 242 8.36 -11.76 -8.00
C LEU A 242 7.63 -11.12 -9.18
N GLN A 243 6.71 -11.88 -9.79
CA GLN A 243 5.95 -11.31 -10.90
C GLN A 243 4.98 -10.24 -10.42
N LYS A 244 4.39 -10.40 -9.24
CA LYS A 244 3.53 -9.35 -8.71
C LYS A 244 4.30 -8.05 -8.50
N MET A 245 5.59 -8.13 -8.14
CA MET A 245 6.38 -6.92 -8.00
C MET A 245 6.48 -6.19 -9.34
N THR A 246 6.71 -6.95 -10.42
CA THR A 246 6.70 -6.37 -11.76
C THR A 246 5.34 -5.78 -12.10
N ASP A 247 4.27 -6.52 -11.80
CA ASP A 247 2.93 -6.02 -12.07
C ASP A 247 2.67 -4.70 -11.35
N LEU A 248 3.13 -4.60 -10.11
CA LEU A 248 2.84 -3.40 -9.32
C LEU A 248 3.46 -2.17 -9.95
N ARG A 249 4.64 -2.32 -10.56
CA ARG A 249 5.25 -1.19 -11.25
C ARG A 249 4.40 -0.74 -12.42
N GLN A 250 3.83 -1.69 -13.17
CA GLN A 250 3.00 -1.30 -14.29
C GLN A 250 1.72 -0.64 -13.82
N ILE A 251 1.14 -1.16 -12.73
CA ILE A 251 -0.05 -0.55 -12.14
C ILE A 251 0.22 0.90 -11.75
N VAL A 252 1.35 1.15 -11.09
CA VAL A 252 1.66 2.52 -10.68
C VAL A 252 1.82 3.42 -11.90
N THR A 253 2.46 2.91 -12.95
CA THR A 253 2.62 3.69 -14.17
C THR A 253 1.26 4.09 -14.75
N GLU A 254 0.34 3.13 -14.83
CA GLU A 254 -1.00 3.43 -15.34
C GLU A 254 -1.70 4.46 -14.47
N HIS A 255 -1.53 4.35 -13.14
CA HIS A 255 -2.16 5.30 -12.24
C HIS A 255 -1.63 6.71 -12.47
N VAL A 256 -0.31 6.84 -12.64
CA VAL A 256 0.27 8.15 -12.91
C VAL A 256 -0.29 8.73 -14.21
N GLN A 257 -0.52 7.87 -15.21
CA GLN A 257 -1.11 8.36 -16.45
C GLN A 257 -2.53 8.88 -16.22
N LEU A 258 -3.34 8.15 -15.45
CA LEU A 258 -4.69 8.62 -15.17
C LEU A 258 -4.66 9.95 -14.42
N LEU A 259 -3.70 10.12 -13.50
CA LEU A 259 -3.64 11.36 -12.75
C LEU A 259 -3.33 12.54 -13.66
N GLN A 260 -2.41 12.36 -14.60
CA GLN A 260 -2.11 13.44 -15.54
C GLN A 260 -3.36 13.82 -16.33
N VAL A 261 -4.15 12.83 -16.73
CA VAL A 261 -5.43 13.11 -17.39
C VAL A 261 -6.33 13.91 -16.47
N ILE A 262 -6.50 13.45 -15.23
CA ILE A 262 -7.33 14.15 -14.26
C ILE A 262 -6.86 15.60 -14.10
N LYS A 263 -5.56 15.84 -14.21
CA LYS A 263 -5.03 17.19 -14.04
C LYS A 263 -5.29 18.06 -15.27
N LYS A 264 -5.30 17.48 -16.46
CA LYS A 264 -5.46 18.24 -17.70
C LYS A 264 -6.91 18.38 -18.12
N THR A 265 -7.86 17.94 -17.29
CA THR A 265 -9.28 18.05 -17.62
C THR A 265 -10.08 18.63 -16.46
N GLU A 266 -9.61 18.39 -15.23
CA GLU A 266 -10.27 18.91 -14.04
C GLU A 266 -9.61 20.21 -13.60
N THR A 267 -10.29 20.91 -12.69
CA THR A 267 -9.86 22.21 -12.22
C THR A 267 -9.94 22.24 -10.70
N ASP A 268 -9.19 23.19 -10.12
CA ASP A 268 -9.21 23.45 -8.68
C ASP A 268 -9.14 22.14 -7.88
N MET A 269 -8.06 21.41 -8.09
CA MET A 269 -7.79 20.15 -7.40
C MET A 269 -6.53 20.33 -6.56
N SER A 270 -6.71 20.55 -5.26
CA SER A 270 -5.58 20.63 -4.36
C SER A 270 -4.99 19.25 -4.14
N LEU A 271 -3.66 19.15 -4.23
CA LEU A 271 -2.94 17.90 -4.02
C LEU A 271 -2.09 18.04 -2.78
N HIS A 272 -2.17 17.06 -1.88
CA HIS A 272 -1.48 17.15 -0.61
C HIS A 272 0.02 17.31 -0.86
N PRO A 273 0.71 18.14 -0.08
CA PRO A 273 2.14 18.39 -0.36
C PRO A 273 2.99 17.13 -0.34
N LEU A 274 2.66 16.15 0.51
CA LEU A 274 3.45 14.92 0.52
C LEU A 274 3.30 14.16 -0.79
N LEU A 275 2.08 14.11 -1.34
CA LEU A 275 1.88 13.49 -2.64
C LEU A 275 2.53 14.29 -3.75
N GLN A 276 2.56 15.62 -3.63
CA GLN A 276 3.26 16.42 -4.63
C GLN A 276 4.72 16.01 -4.71
N GLU A 277 5.37 15.80 -3.55
CA GLU A 277 6.76 15.38 -3.56
C GLU A 277 6.91 14.03 -4.25
N ILE A 278 6.05 13.08 -3.90
CA ILE A 278 6.19 11.73 -4.43
C ILE A 278 5.95 11.72 -5.94
N TYR A 279 4.95 12.46 -6.41
CA TYR A 279 4.62 12.43 -7.83
C TYR A 279 5.56 13.26 -8.69
N LYS A 280 6.31 14.18 -8.09
CA LYS A 280 7.23 15.01 -8.86
C LYS A 280 8.18 14.12 -9.66
N ASP A 281 8.17 14.28 -10.97
CA ASP A 281 9.03 13.48 -11.84
C ASP A 281 9.92 14.40 -12.68
N PRO B 6 11.70 21.90 0.23
CA PRO B 6 12.37 20.89 1.07
C PRO B 6 11.64 19.56 1.04
N SER B 7 12.33 18.48 1.38
CA SER B 7 11.76 17.15 1.29
C SER B 7 10.95 16.85 2.55
N LEU B 8 9.65 16.60 2.36
CA LEU B 8 8.82 16.14 3.45
C LEU B 8 9.16 14.69 3.83
N LEU B 9 9.51 13.86 2.85
CA LEU B 9 9.92 12.50 3.17
C LEU B 9 11.15 12.50 4.05
N LYS B 10 12.10 13.40 3.78
CA LYS B 10 13.29 13.48 4.63
C LYS B 10 12.90 13.82 6.07
N LYS B 11 11.95 14.73 6.24
CA LYS B 11 11.52 15.07 7.59
C LYS B 11 10.91 13.88 8.31
N LEU B 12 10.07 13.11 7.60
CA LEU B 12 9.49 11.91 8.21
C LEU B 12 10.58 10.90 8.57
N LEU B 13 11.61 10.79 7.72
CA LEU B 13 12.65 9.81 7.95
C LEU B 13 13.48 10.14 9.18
N LEU B 14 13.58 11.42 9.54
CA LEU B 14 14.44 11.85 10.63
C LEU B 14 13.70 11.99 11.95
N ALA B 15 12.39 12.11 11.94
CA ALA B 15 11.61 12.23 13.17
C ALA B 15 11.55 10.88 13.88
N PRO B 16 12.24 10.70 15.02
CA PRO B 16 12.19 9.39 15.67
C PRO B 16 10.86 9.15 16.39
#